data_4CZW
#
_entry.id   4CZW
#
_cell.length_a   85.565
_cell.length_b   85.565
_cell.length_c   471.793
_cell.angle_alpha   90.00
_cell.angle_beta   90.00
_cell.angle_gamma   120.00
#
_symmetry.space_group_name_H-M   'P 61 2 2'
#
loop_
_entity.id
_entity.type
_entity.pdbx_description
1 polymer 'PAB-DEPENDENT POLY(A)-SPECIFIC RIBONUCLEASE SUBUNIT PAN2'
2 non-polymer 'ZINC ION'
3 water water
#
_entity_poly.entity_id   1
_entity_poly.type   'polypeptide(L)'
_entity_poly.pdbx_seq_one_letter_code
;DHWSLRPEAPPEYRICEIKYSKFGVDDFDFGFFNNTPYPGLENNITNSYANSLLQV(MSE)HYTPLLRN(MSE)ALQHAA
TACLADPCLLCELGYVFD(MSE)LQKGEGPSCHATN(MSE)LRALNHTSNASVSGVLEDIAKDKNPSTLVKNLT(MSE)F
LFDKISQDYKGTPPISTELERTLFKLNQPPNPLDLVKRLLETDARYQIKC(MSE)HCQHVSPRTATTFVNKLCYPAAKPN
IRG(MSE)KAQRITFSQVLKAGLENEAVNKGYCTKCQRYQNLDQRKIIFNIPAVLALCTEITTAEHRKLWSTPGWLPEEI
GIIVDQGHVYCYEGDDLKLHLNRGIHNITVYSLVGTVVNVETKSPQKSHLVATVNVGRAEPESKDQDRWHLFNDFSVRGI
SKVEALTFNAAWK(MSE)PVVV(MSE)FQVKAANHRFN(MSE)DWKTRLDTSVLFRDNNPHALKTYELLDRETEIPGPDT
VIAIDTEFIRLKEREIHIDEDGKSKTIRPISHAIARASVVRGQGSREGVAFIDDYIHIKETIVDYLTEWSGITPTDLDPI
NSQRNLVSPKTAYKKLWVLVNLGCKFLGHGLSQDFRVINIQVPRNQVIDTSIIF(MSE)KPPSQRKISLAFLAWYLLKED
IQQNTHDSIEDAQTALKLYRKYEEF(MSE)ANGSFHDVLEALYKKGKTLNFKPASPRRSGC
;
_entity_poly.pdbx_strand_id   A
#
# COMPACT_ATOMS: atom_id res chain seq x y z
N ASP A 1 -18.06 0.55 -28.96
CA ASP A 1 -18.92 0.83 -27.81
C ASP A 1 -18.07 1.13 -26.57
N HIS A 2 -17.12 0.25 -26.28
CA HIS A 2 -16.16 0.48 -25.20
C HIS A 2 -14.77 -0.04 -25.56
N TRP A 3 -13.77 0.35 -24.77
CA TRP A 3 -12.36 0.13 -25.08
C TRP A 3 -11.94 -1.33 -25.24
N SER A 4 -12.51 -2.21 -24.42
CA SER A 4 -12.09 -3.61 -24.41
C SER A 4 -12.50 -4.37 -25.67
N LEU A 5 -13.30 -3.74 -26.52
CA LEU A 5 -13.75 -4.37 -27.76
C LEU A 5 -12.75 -4.14 -28.89
N ARG A 6 -11.76 -3.28 -28.65
CA ARG A 6 -10.75 -2.98 -29.67
C ARG A 6 -9.76 -4.13 -29.82
N PRO A 7 -9.28 -4.36 -31.04
CA PRO A 7 -8.35 -5.46 -31.33
C PRO A 7 -6.99 -5.27 -30.65
N GLU A 8 -6.69 -4.02 -30.30
CA GLU A 8 -5.45 -3.72 -29.59
C GLU A 8 -5.75 -2.83 -28.39
N ALA A 9 -4.81 -2.77 -27.45
CA ALA A 9 -4.97 -1.96 -26.25
C ALA A 9 -4.99 -0.47 -26.60
N PRO A 10 -6.12 0.20 -26.28
CA PRO A 10 -6.23 1.64 -26.47
C PRO A 10 -5.24 2.39 -25.58
N PRO A 11 -4.96 3.68 -25.88
CA PRO A 11 -4.02 4.47 -25.08
C PRO A 11 -4.38 4.51 -23.59
N GLU A 12 -5.66 4.32 -23.28
CA GLU A 12 -6.11 4.29 -21.89
C GLU A 12 -5.58 3.07 -21.15
N TYR A 13 -5.21 2.03 -21.90
CA TYR A 13 -4.71 0.79 -21.31
C TYR A 13 -3.21 0.59 -21.51
N ARG A 14 -2.59 1.47 -22.29
CA ARG A 14 -1.17 1.33 -22.59
C ARG A 14 -0.28 1.82 -21.45
N ILE A 15 1.00 1.50 -21.54
CA ILE A 15 1.98 1.90 -20.53
C ILE A 15 2.17 3.42 -20.49
N CYS A 16 2.04 4.00 -19.31
CA CYS A 16 2.21 5.43 -19.13
C CYS A 16 3.63 5.77 -18.71
N GLU A 17 4.31 6.58 -19.54
CA GLU A 17 5.68 6.96 -19.27
C GLU A 17 5.77 8.29 -18.52
N ILE A 18 6.68 8.35 -17.56
CA ILE A 18 6.99 9.59 -16.86
C ILE A 18 8.17 10.28 -17.53
N LYS A 19 7.97 11.52 -17.96
CA LYS A 19 9.05 12.26 -18.61
C LYS A 19 9.76 13.16 -17.60
N TYR A 20 11.08 13.17 -17.66
CA TYR A 20 11.91 13.80 -16.64
C TYR A 20 12.58 15.10 -17.09
N SER A 21 12.93 15.92 -16.10
CA SER A 21 13.68 17.14 -16.34
C SER A 21 14.68 17.38 -15.21
N LYS A 22 15.37 18.52 -15.28
CA LYS A 22 16.31 18.89 -14.23
C LYS A 22 15.55 19.16 -12.94
N PHE A 23 14.35 19.71 -13.08
CA PHE A 23 13.47 19.94 -11.94
C PHE A 23 13.03 18.61 -11.33
N GLY A 24 12.85 17.61 -12.19
CA GLY A 24 12.53 16.26 -11.74
C GLY A 24 11.08 15.85 -11.94
N VAL A 25 10.65 14.90 -11.13
CA VAL A 25 9.29 14.35 -11.20
C VAL A 25 8.20 15.36 -10.84
N ASP A 26 8.55 16.33 -10.00
CA ASP A 26 7.56 17.26 -9.46
C ASP A 26 6.91 18.13 -10.53
N ASP A 27 7.65 18.41 -11.60
CA ASP A 27 7.14 19.28 -12.65
C ASP A 27 6.24 18.51 -13.63
N PHE A 28 6.40 17.19 -13.66
CA PHE A 28 5.59 16.34 -14.53
C PHE A 28 4.11 16.46 -14.20
N ASP A 29 3.28 16.64 -15.22
CA ASP A 29 1.86 16.89 -15.02
C ASP A 29 1.06 15.61 -14.80
N PHE A 30 1.06 15.12 -13.56
CA PHE A 30 0.30 13.93 -13.21
C PHE A 30 -1.20 14.18 -13.26
N GLY A 31 -1.60 15.44 -13.04
CA GLY A 31 -3.00 15.82 -13.04
C GLY A 31 -3.67 15.64 -14.39
N PHE A 32 -2.86 15.52 -15.44
CA PHE A 32 -3.37 15.30 -16.78
C PHE A 32 -3.95 13.90 -16.95
N PHE A 33 -3.42 12.95 -16.18
CA PHE A 33 -3.79 11.55 -16.33
C PHE A 33 -4.85 11.11 -15.33
N ASN A 34 -5.19 11.98 -14.39
CA ASN A 34 -6.18 11.64 -13.37
C ASN A 34 -7.00 12.86 -12.93
N ASN A 35 -8.30 12.81 -13.20
CA ASN A 35 -9.22 13.87 -12.80
C ASN A 35 -10.20 13.38 -11.73
N THR A 36 -9.87 12.25 -11.12
CA THR A 36 -10.74 11.62 -10.13
C THR A 36 -10.19 11.77 -8.72
N PRO A 37 -11.06 11.63 -7.70
CA PRO A 37 -10.59 11.68 -6.31
C PRO A 37 -9.86 10.41 -5.87
N TYR A 38 -9.62 9.51 -6.82
CA TYR A 38 -8.92 8.26 -6.53
C TYR A 38 -7.54 8.25 -7.18
N PRO A 39 -6.49 8.47 -6.37
CA PRO A 39 -5.12 8.58 -6.86
C PRO A 39 -4.57 7.27 -7.41
N GLY A 40 -3.67 7.36 -8.38
CA GLY A 40 -3.01 6.20 -8.93
C GLY A 40 -1.61 6.06 -8.39
N LEU A 41 -0.88 5.05 -8.84
CA LEU A 41 0.48 4.81 -8.38
C LEU A 41 1.49 4.96 -9.50
N GLU A 42 2.59 5.64 -9.21
CA GLU A 42 3.64 5.90 -10.21
C GLU A 42 4.41 4.61 -10.52
N ASN A 43 4.89 4.50 -11.76
CA ASN A 43 5.45 3.25 -12.26
C ASN A 43 6.94 3.29 -12.59
N ASN A 44 7.67 4.25 -12.03
CA ASN A 44 9.10 4.36 -12.30
C ASN A 44 9.93 3.77 -11.18
N ILE A 45 9.39 2.75 -10.53
CA ILE A 45 10.03 2.12 -9.38
C ILE A 45 10.26 0.64 -9.67
N THR A 46 11.29 0.07 -9.07
CA THR A 46 11.54 -1.36 -9.17
C THR A 46 10.36 -2.11 -8.56
N ASN A 47 9.93 -3.18 -9.22
CA ASN A 47 8.79 -3.98 -8.80
C ASN A 47 7.49 -3.18 -8.75
N SER A 48 7.33 -2.25 -9.69
CA SER A 48 6.14 -1.42 -9.75
C SER A 48 4.95 -2.17 -10.34
N TYR A 49 5.18 -3.45 -10.67
CA TYR A 49 4.10 -4.31 -11.13
C TYR A 49 3.06 -4.49 -10.03
N ALA A 50 3.49 -4.24 -8.80
CA ALA A 50 2.66 -4.43 -7.62
C ALA A 50 1.50 -3.44 -7.53
N ASN A 51 1.59 -2.36 -8.31
CA ASN A 51 0.63 -1.27 -8.25
C ASN A 51 -0.83 -1.74 -8.40
N SER A 52 -1.08 -2.56 -9.40
CA SER A 52 -2.44 -3.06 -9.65
C SER A 52 -2.96 -3.87 -8.47
N LEU A 53 -2.07 -4.69 -7.89
CA LEU A 53 -2.44 -5.51 -6.75
C LEU A 53 -2.71 -4.66 -5.52
N LEU A 54 -1.87 -3.64 -5.31
CA LEU A 54 -2.01 -2.75 -4.17
C LEU A 54 -3.34 -1.98 -4.23
N GLN A 55 -3.74 -1.61 -5.44
CA GLN A 55 -5.00 -0.90 -5.63
C GLN A 55 -6.19 -1.79 -5.28
N VAL A 56 -6.18 -3.00 -5.82
CA VAL A 56 -7.26 -3.95 -5.61
C VAL A 56 -7.41 -4.29 -4.12
N HIS A 58 -6.43 -2.39 -1.63
CA HIS A 58 -6.78 -1.17 -0.90
C HIS A 58 -8.28 -0.94 -0.83
N TYR A 59 -8.97 -1.25 -1.92
CA TYR A 59 -10.41 -1.08 -1.98
C TYR A 59 -11.14 -2.34 -1.55
N THR A 60 -10.41 -3.23 -0.87
CA THR A 60 -10.99 -4.38 -0.20
C THR A 60 -11.04 -4.07 1.29
N PRO A 61 -12.22 -3.62 1.77
CA PRO A 61 -12.45 -3.11 3.13
C PRO A 61 -11.81 -3.94 4.24
N LEU A 62 -11.91 -5.26 4.13
CA LEU A 62 -11.34 -6.15 5.14
C LEU A 62 -9.82 -6.13 5.12
N LEU A 63 -9.24 -5.94 3.94
CA LEU A 63 -7.79 -5.88 3.81
C LEU A 63 -7.23 -4.54 4.26
N ARG A 64 -7.92 -3.45 3.92
CA ARG A 64 -7.47 -2.11 4.29
C ARG A 64 -7.52 -1.92 5.79
N ASN A 65 -8.60 -2.35 6.41
CA ASN A 65 -8.76 -2.26 7.86
C ASN A 65 -7.69 -3.10 8.57
N ALA A 67 -4.71 -3.96 7.69
CA ALA A 67 -3.38 -3.36 7.64
C ALA A 67 -3.28 -2.14 8.56
N LEU A 68 -4.34 -1.33 8.58
CA LEU A 68 -4.34 -0.12 9.40
C LEU A 68 -4.37 -0.42 10.89
N GLN A 69 -5.11 -1.46 11.27
CA GLN A 69 -5.19 -1.86 12.67
C GLN A 69 -3.84 -2.36 13.18
N HIS A 70 -3.03 -2.87 12.27
CA HIS A 70 -1.69 -3.35 12.63
C HIS A 70 -0.66 -2.22 12.60
N ALA A 71 -0.70 -1.42 11.55
CA ALA A 71 0.25 -0.32 11.37
C ALA A 71 0.14 0.70 12.50
N ALA A 72 -1.03 0.79 13.10
CA ALA A 72 -1.29 1.76 14.16
C ALA A 72 -0.76 1.29 15.52
N THR A 73 -0.21 0.07 15.56
CA THR A 73 0.34 -0.46 16.79
C THR A 73 1.77 0.01 17.02
N ALA A 74 2.42 -0.54 18.02
CA ALA A 74 3.79 -0.16 18.36
C ALA A 74 4.82 -1.00 17.62
N CYS A 75 4.36 -1.70 16.58
CA CYS A 75 5.21 -2.59 15.79
C CYS A 75 6.45 -1.87 15.25
N LEU A 76 7.62 -2.35 15.66
CA LEU A 76 8.88 -1.78 15.22
C LEU A 76 9.63 -2.75 14.31
N ALA A 77 8.90 -3.72 13.77
CA ALA A 77 9.49 -4.69 12.85
C ALA A 77 9.86 -4.02 11.53
N ASP A 78 11.05 -4.31 11.04
CA ASP A 78 11.53 -3.74 9.78
C ASP A 78 12.54 -4.68 9.15
N PRO A 79 12.22 -5.22 7.95
CA PRO A 79 11.01 -4.95 7.15
C PRO A 79 9.74 -5.61 7.70
N CYS A 80 8.61 -4.96 7.42
CA CYS A 80 7.30 -5.45 7.84
C CYS A 80 6.27 -5.03 6.80
N LEU A 81 5.93 -5.93 5.89
CA LEU A 81 5.11 -5.61 4.73
C LEU A 81 3.69 -5.17 5.10
N LEU A 82 3.17 -5.68 6.21
CA LEU A 82 1.83 -5.31 6.65
C LEU A 82 1.78 -3.85 7.10
N CYS A 83 2.83 -3.43 7.79
CA CYS A 83 2.97 -2.02 8.19
C CYS A 83 3.08 -1.14 6.95
N GLU A 84 3.92 -1.56 6.02
CA GLU A 84 4.11 -0.85 4.77
C GLU A 84 2.80 -0.81 3.97
N LEU A 85 2.01 -1.87 4.07
CA LEU A 85 0.70 -1.92 3.42
C LEU A 85 -0.23 -0.87 4.02
N GLY A 86 -0.15 -0.69 5.33
CA GLY A 86 -0.95 0.31 6.01
C GLY A 86 -0.57 1.71 5.57
N TYR A 87 0.72 1.93 5.38
CA TYR A 87 1.23 3.23 4.94
C TYR A 87 0.71 3.57 3.55
N VAL A 88 0.79 2.61 2.64
CA VAL A 88 0.34 2.80 1.26
C VAL A 88 -1.18 3.02 1.21
N PHE A 89 -1.91 2.21 1.97
CA PHE A 89 -3.36 2.35 2.04
C PHE A 89 -3.76 3.70 2.60
N ASP A 90 -2.98 4.17 3.58
CA ASP A 90 -3.23 5.46 4.21
C ASP A 90 -3.02 6.60 3.22
N LEU A 92 -3.35 6.36 -0.04
CA LEU A 92 -4.38 6.28 -1.06
C LEU A 92 -5.72 6.84 -0.58
N GLN A 93 -5.90 6.92 0.73
CA GLN A 93 -7.14 7.44 1.29
C GLN A 93 -6.97 8.89 1.78
N LYS A 94 -5.72 9.28 2.03
CA LYS A 94 -5.42 10.65 2.41
C LYS A 94 -5.10 11.52 1.20
N GLY A 95 -4.46 10.91 0.20
CA GLY A 95 -3.97 11.61 -0.96
C GLY A 95 -4.96 12.53 -1.64
N GLU A 96 -4.61 13.81 -1.69
CA GLU A 96 -5.44 14.82 -2.34
C GLU A 96 -4.98 15.07 -3.77
N GLY A 97 -3.79 14.56 -4.10
CA GLY A 97 -3.24 14.73 -5.42
C GLY A 97 -3.65 13.62 -6.37
N PRO A 98 -3.18 13.70 -7.62
CA PRO A 98 -3.54 12.73 -8.67
C PRO A 98 -2.78 11.41 -8.58
N SER A 99 -1.65 11.39 -7.88
CA SER A 99 -0.82 10.18 -7.85
C SER A 99 -0.09 9.97 -6.53
N CYS A 100 0.14 8.70 -6.21
CA CYS A 100 0.97 8.30 -5.08
C CYS A 100 2.07 7.39 -5.59
N HIS A 101 2.92 6.91 -4.68
CA HIS A 101 3.92 5.92 -5.03
C HIS A 101 4.30 5.07 -3.83
N ALA A 102 4.63 3.81 -4.07
CA ALA A 102 4.92 2.87 -3.00
C ALA A 102 6.39 2.49 -2.97
N THR A 103 7.27 3.49 -2.98
CA THR A 103 8.71 3.26 -3.00
C THR A 103 9.19 2.52 -1.76
N ASN A 104 8.83 3.01 -0.58
CA ASN A 104 9.26 2.41 0.68
C ASN A 104 8.82 0.95 0.82
N LEU A 106 8.06 -1.24 -1.68
CA LEU A 106 8.69 -2.12 -2.68
C LEU A 106 10.16 -2.30 -2.33
N ARG A 107 10.72 -1.32 -1.62
CA ARG A 107 12.09 -1.39 -1.15
C ARG A 107 12.18 -2.37 0.02
N ALA A 108 11.17 -2.35 0.88
CA ALA A 108 11.11 -3.24 2.03
C ALA A 108 10.86 -4.68 1.58
N LEU A 109 10.10 -4.84 0.49
CA LEU A 109 9.86 -6.15 -0.10
C LEU A 109 11.16 -6.80 -0.51
N ASN A 110 12.06 -5.98 -1.04
CA ASN A 110 13.36 -6.45 -1.50
C ASN A 110 14.23 -6.97 -0.35
N HIS A 111 13.89 -6.58 0.87
CA HIS A 111 14.65 -7.00 2.05
C HIS A 111 13.90 -8.04 2.87
N THR A 112 12.68 -8.37 2.45
CA THR A 112 11.87 -9.36 3.15
C THR A 112 12.42 -10.76 2.95
N SER A 113 12.30 -11.61 3.97
CA SER A 113 12.78 -12.97 3.90
C SER A 113 12.06 -13.77 2.82
N ASN A 114 12.82 -14.65 2.16
CA ASN A 114 12.30 -15.54 1.11
C ASN A 114 11.74 -14.81 -0.10
N ALA A 115 12.00 -13.51 -0.19
CA ALA A 115 11.52 -12.72 -1.33
C ALA A 115 12.33 -13.04 -2.59
N SER A 116 13.61 -13.35 -2.39
CA SER A 116 14.51 -13.65 -3.49
C SER A 116 14.26 -15.03 -4.08
N VAL A 117 13.45 -15.84 -3.40
CA VAL A 117 13.20 -17.20 -3.82
C VAL A 117 11.71 -17.46 -4.08
N SER A 118 10.89 -16.44 -3.92
CA SER A 118 9.45 -16.57 -4.11
C SER A 118 9.01 -15.98 -5.45
N GLY A 119 9.97 -15.52 -6.25
CA GLY A 119 9.68 -14.96 -7.55
C GLY A 119 8.84 -13.71 -7.51
N VAL A 120 9.18 -12.81 -6.61
CA VAL A 120 8.43 -11.56 -6.46
C VAL A 120 9.31 -10.34 -6.75
N LEU A 121 10.58 -10.59 -7.08
CA LEU A 121 11.51 -9.53 -7.42
C LEU A 121 11.89 -9.62 -8.90
N GLU A 122 11.47 -8.63 -9.67
CA GLU A 122 11.59 -8.66 -11.12
C GLU A 122 13.03 -8.75 -11.64
N ASP A 123 14.00 -8.47 -10.76
CA ASP A 123 15.40 -8.54 -11.15
C ASP A 123 16.00 -9.91 -10.84
N ILE A 124 15.40 -10.62 -9.89
CA ILE A 124 15.92 -11.90 -9.44
C ILE A 124 15.07 -13.08 -9.95
N ALA A 125 13.76 -12.87 -9.97
CA ALA A 125 12.79 -13.94 -10.28
C ALA A 125 13.09 -14.67 -11.59
N LYS A 126 12.70 -15.93 -11.64
CA LYS A 126 12.88 -16.78 -12.82
C LYS A 126 11.98 -16.32 -13.95
N ASP A 127 10.67 -16.32 -13.69
CA ASP A 127 9.69 -15.82 -14.64
C ASP A 127 9.46 -14.33 -14.41
N LYS A 128 9.92 -13.51 -15.35
CA LYS A 128 9.86 -12.06 -15.18
C LYS A 128 8.60 -11.45 -15.81
N ASN A 129 7.66 -12.30 -16.19
CA ASN A 129 6.36 -11.83 -16.66
C ASN A 129 5.58 -11.22 -15.51
N PRO A 130 5.07 -9.99 -15.70
CA PRO A 130 4.30 -9.26 -14.68
C PRO A 130 3.15 -10.07 -14.11
N SER A 131 2.45 -10.80 -14.97
CA SER A 131 1.33 -11.64 -14.55
C SER A 131 1.79 -12.73 -13.59
N THR A 132 2.95 -13.32 -13.86
CA THR A 132 3.51 -14.34 -12.99
C THR A 132 4.02 -13.71 -11.69
N LEU A 133 4.63 -12.53 -11.82
CA LEU A 133 5.17 -11.81 -10.67
C LEU A 133 4.07 -11.42 -9.68
N VAL A 134 2.94 -10.96 -10.20
CA VAL A 134 1.84 -10.52 -9.35
C VAL A 134 1.09 -11.70 -8.75
N LYS A 135 1.18 -12.85 -9.42
CA LYS A 135 0.62 -14.09 -8.88
C LYS A 135 1.39 -14.51 -7.64
N ASN A 136 2.71 -14.54 -7.78
CA ASN A 136 3.60 -14.89 -6.69
C ASN A 136 3.49 -13.91 -5.53
N LEU A 137 3.40 -12.63 -5.87
CA LEU A 137 3.32 -11.58 -4.86
C LEU A 137 2.02 -11.68 -4.06
N THR A 138 0.93 -12.00 -4.74
CA THR A 138 -0.37 -12.17 -4.10
C THR A 138 -0.30 -13.27 -3.05
N PHE A 140 2.64 -14.39 -1.80
CA PHE A 140 3.70 -13.97 -0.89
C PHE A 140 3.19 -12.98 0.15
N LEU A 141 2.40 -12.00 -0.29
CA LEU A 141 1.87 -10.98 0.60
C LEU A 141 0.88 -11.55 1.61
N PHE A 142 -0.09 -12.32 1.11
CA PHE A 142 -1.11 -12.92 1.97
C PHE A 142 -0.50 -13.80 3.05
N ASP A 143 0.62 -14.44 2.73
CA ASP A 143 1.32 -15.28 3.70
C ASP A 143 2.07 -14.43 4.72
N LYS A 144 2.76 -13.40 4.24
CA LYS A 144 3.58 -12.56 5.10
C LYS A 144 2.74 -11.71 6.05
N ILE A 145 1.68 -11.08 5.53
CA ILE A 145 0.85 -10.21 6.35
C ILE A 145 0.02 -11.01 7.34
N SER A 146 -0.15 -12.30 7.08
CA SER A 146 -0.90 -13.17 7.97
C SER A 146 -0.13 -13.40 9.27
N GLN A 147 1.19 -13.57 9.15
CA GLN A 147 2.04 -13.78 10.32
C GLN A 147 2.47 -12.46 10.92
N ASP A 148 2.44 -11.39 10.11
CA ASP A 148 2.71 -10.05 10.60
C ASP A 148 1.57 -9.58 11.50
N TYR A 149 0.36 -9.97 11.15
CA TYR A 149 -0.83 -9.56 11.87
C TYR A 149 -0.89 -10.14 13.28
N LYS A 150 -0.37 -11.36 13.43
CA LYS A 150 -0.43 -12.06 14.71
C LYS A 150 0.82 -11.80 15.54
N GLY A 151 1.78 -11.08 14.98
CA GLY A 151 3.01 -10.75 15.68
C GLY A 151 2.76 -9.87 16.90
N THR A 152 1.89 -8.89 16.73
CA THR A 152 1.50 -8.00 17.82
C THR A 152 0.00 -7.72 17.75
N PRO A 153 -0.67 -7.68 18.91
CA PRO A 153 -2.11 -7.45 18.98
C PRO A 153 -2.55 -6.18 18.27
N PRO A 154 -3.47 -6.29 17.30
CA PRO A 154 -3.97 -5.13 16.57
C PRO A 154 -4.75 -4.17 17.48
N ILE A 155 -4.89 -2.92 17.06
CA ILE A 155 -5.56 -1.91 17.84
C ILE A 155 -7.02 -2.29 18.12
N SER A 156 -7.68 -2.85 17.11
CA SER A 156 -9.08 -3.22 17.26
C SER A 156 -9.50 -4.34 16.31
N THR A 157 -10.21 -5.31 16.86
CA THR A 157 -10.82 -6.38 16.07
C THR A 157 -12.34 -6.25 16.14
N GLU A 158 -12.80 -5.02 16.38
CA GLU A 158 -14.22 -4.75 16.59
C GLU A 158 -15.03 -4.93 15.31
N LEU A 159 -14.44 -4.56 14.17
CA LEU A 159 -15.09 -4.71 12.88
C LEU A 159 -15.38 -6.17 12.58
N GLU A 160 -14.35 -7.00 12.73
CA GLU A 160 -14.45 -8.42 12.44
C GLU A 160 -15.40 -9.13 13.41
N ARG A 161 -15.37 -8.69 14.66
CA ARG A 161 -16.24 -9.27 15.69
C ARG A 161 -17.70 -9.02 15.35
N THR A 162 -18.00 -7.80 14.91
CA THR A 162 -19.35 -7.43 14.51
C THR A 162 -19.74 -8.16 13.22
N LEU A 163 -18.80 -8.23 12.28
CA LEU A 163 -19.02 -8.90 11.00
C LEU A 163 -19.36 -10.37 11.19
N PHE A 164 -18.55 -11.06 12.00
CA PHE A 164 -18.74 -12.48 12.24
C PHE A 164 -19.73 -12.74 13.37
N LYS A 165 -20.34 -11.66 13.86
CA LYS A 165 -21.37 -11.73 14.89
C LYS A 165 -20.91 -12.48 16.13
N LEU A 166 -19.65 -12.28 16.50
CA LEU A 166 -19.10 -12.89 17.71
C LEU A 166 -19.52 -12.08 18.94
N ASN A 167 -19.58 -12.74 20.09
CA ASN A 167 -19.92 -12.06 21.33
C ASN A 167 -18.67 -11.50 22.02
N GLN A 168 -17.69 -12.35 22.21
CA GLN A 168 -16.41 -11.95 22.80
C GLN A 168 -15.42 -11.60 21.71
N PRO A 169 -14.50 -10.67 21.99
CA PRO A 169 -13.48 -10.29 21.00
C PRO A 169 -12.57 -11.46 20.63
N PRO A 170 -12.43 -11.74 19.33
CA PRO A 170 -11.62 -12.85 18.84
C PRO A 170 -10.12 -12.60 18.96
N ASN A 171 -9.34 -13.67 19.04
CA ASN A 171 -7.89 -13.54 19.07
C ASN A 171 -7.32 -13.52 17.64
N PRO A 172 -6.24 -12.78 17.42
CA PRO A 172 -5.62 -12.57 16.11
C PRO A 172 -5.39 -13.85 15.30
N LEU A 173 -4.96 -14.92 15.95
CA LEU A 173 -4.64 -16.16 15.24
C LEU A 173 -5.86 -16.75 14.55
N ASP A 174 -6.97 -16.84 15.28
CA ASP A 174 -8.20 -17.38 14.73
C ASP A 174 -8.80 -16.42 13.71
N LEU A 175 -8.62 -15.12 13.95
CA LEU A 175 -9.24 -14.10 13.12
C LEU A 175 -8.60 -14.01 11.73
N VAL A 176 -7.28 -13.92 11.70
CA VAL A 176 -6.55 -13.79 10.43
C VAL A 176 -6.71 -15.06 9.60
N LYS A 177 -6.99 -16.17 10.27
CA LYS A 177 -7.21 -17.44 9.59
C LYS A 177 -8.56 -17.46 8.89
N ARG A 178 -9.57 -16.91 9.56
CA ARG A 178 -10.92 -16.85 9.01
C ARG A 178 -11.00 -15.82 7.89
N LEU A 179 -10.07 -14.87 7.90
CA LEU A 179 -10.06 -13.78 6.93
C LEU A 179 -9.37 -14.13 5.61
N LEU A 180 -8.28 -14.88 5.70
CA LEU A 180 -7.44 -15.12 4.52
C LEU A 180 -7.32 -16.59 4.13
N GLU A 181 -7.48 -17.50 5.09
CA GLU A 181 -7.22 -18.92 4.83
C GLU A 181 -8.46 -19.71 4.43
N THR A 182 -8.25 -20.71 3.60
CA THR A 182 -9.26 -21.71 3.31
C THR A 182 -9.04 -22.90 4.25
N ASP A 183 -9.82 -22.95 5.32
CA ASP A 183 -9.68 -24.02 6.32
C ASP A 183 -10.00 -25.37 5.72
N ALA A 184 -8.97 -26.19 5.54
CA ALA A 184 -9.14 -27.49 4.91
C ALA A 184 -8.04 -28.48 5.29
N ARG A 185 -8.24 -29.75 4.92
CA ARG A 185 -7.25 -30.79 5.13
C ARG A 185 -7.50 -31.93 4.15
N TYR A 186 -6.45 -32.72 3.88
CA TYR A 186 -6.56 -33.82 2.93
C TYR A 186 -6.90 -35.13 3.63
N GLN A 187 -7.93 -35.81 3.13
CA GLN A 187 -8.27 -37.15 3.60
C GLN A 187 -7.70 -38.19 2.66
N ILE A 188 -6.66 -38.88 3.12
CA ILE A 188 -5.99 -39.91 2.33
C ILE A 188 -6.50 -41.30 2.70
N LYS A 189 -7.31 -41.89 1.83
CA LYS A 189 -7.90 -43.20 2.09
C LYS A 189 -7.28 -44.29 1.23
N CYS A 190 -6.82 -45.36 1.87
CA CYS A 190 -6.36 -46.55 1.15
C CYS A 190 -7.56 -47.21 0.48
N HIS A 192 -7.85 -50.13 -0.52
CA HIS A 192 -7.89 -51.56 -0.26
C HIS A 192 -8.54 -51.87 1.08
N CYS A 193 -7.93 -51.37 2.16
CA CYS A 193 -8.41 -51.63 3.51
C CYS A 193 -9.24 -50.47 4.05
N GLN A 194 -9.50 -49.48 3.20
CA GLN A 194 -10.35 -48.34 3.53
C GLN A 194 -9.86 -47.55 4.74
N HIS A 195 -8.57 -47.62 5.01
CA HIS A 195 -7.98 -46.87 6.12
C HIS A 195 -7.75 -45.41 5.74
N VAL A 196 -8.09 -44.50 6.65
CA VAL A 196 -7.95 -43.07 6.38
C VAL A 196 -6.88 -42.42 7.25
N SER A 197 -6.12 -41.52 6.65
CA SER A 197 -5.10 -40.76 7.36
C SER A 197 -5.04 -39.33 6.84
N PRO A 198 -5.03 -38.35 7.76
CA PRO A 198 -5.12 -36.93 7.39
C PRO A 198 -3.78 -36.29 7.02
N ARG A 199 -3.84 -35.32 6.11
CA ARG A 199 -2.69 -34.49 5.80
C ARG A 199 -3.10 -33.02 5.79
N THR A 200 -2.44 -32.21 6.61
CA THR A 200 -2.80 -30.80 6.77
C THR A 200 -2.60 -30.01 5.48
N ALA A 201 -3.44 -29.00 5.27
CA ALA A 201 -3.38 -28.17 4.08
C ALA A 201 -3.52 -26.69 4.41
N THR A 202 -2.58 -25.89 3.93
CA THR A 202 -2.61 -24.45 4.14
C THR A 202 -2.83 -23.72 2.82
N THR A 203 -3.84 -22.87 2.78
CA THR A 203 -4.17 -22.14 1.55
C THR A 203 -4.55 -20.70 1.82
N PHE A 204 -3.73 -19.77 1.32
CA PHE A 204 -4.03 -18.34 1.41
C PHE A 204 -4.70 -17.86 0.13
N VAL A 205 -4.15 -18.29 -1.01
CA VAL A 205 -4.68 -17.90 -2.31
C VAL A 205 -5.01 -19.14 -3.15
N ASN A 206 -6.22 -19.18 -3.69
CA ASN A 206 -6.65 -20.32 -4.49
C ASN A 206 -6.41 -20.11 -5.98
N LYS A 207 -6.35 -21.21 -6.72
CA LYS A 207 -6.13 -21.17 -8.16
C LYS A 207 -7.31 -21.77 -8.92
N LEU A 208 -7.73 -21.10 -9.98
CA LEU A 208 -8.84 -21.58 -10.80
C LEU A 208 -8.42 -22.84 -11.56
N CYS A 209 -9.41 -23.67 -11.90
CA CYS A 209 -9.15 -24.91 -12.62
C CYS A 209 -10.14 -25.10 -13.77
N TYR A 210 -9.62 -25.45 -14.94
CA TYR A 210 -10.46 -25.58 -16.13
C TYR A 210 -10.52 -27.02 -16.63
N PRO A 211 -11.68 -27.41 -17.19
CA PRO A 211 -11.87 -28.76 -17.72
C PRO A 211 -11.19 -28.98 -19.07
N ALA A 212 -11.46 -30.12 -19.69
CA ALA A 212 -10.89 -30.47 -20.99
C ALA A 212 -9.36 -30.40 -20.99
N GLN A 223 -18.89 -26.81 -23.27
CA GLN A 223 -19.93 -25.81 -23.53
C GLN A 223 -20.68 -25.45 -22.24
N ARG A 224 -21.07 -24.18 -22.15
CA ARG A 224 -21.78 -23.66 -20.97
C ARG A 224 -20.98 -23.86 -19.69
N ILE A 225 -19.68 -23.58 -19.76
CA ILE A 225 -18.82 -23.63 -18.58
C ILE A 225 -18.90 -22.31 -17.84
N THR A 226 -19.32 -22.36 -16.57
CA THR A 226 -19.51 -21.14 -15.79
C THR A 226 -18.34 -20.87 -14.85
N PHE A 227 -18.27 -19.64 -14.35
CA PHE A 227 -17.23 -19.25 -13.40
C PHE A 227 -17.39 -19.97 -12.07
N SER A 228 -18.64 -20.23 -11.69
CA SER A 228 -18.94 -20.93 -10.45
C SER A 228 -18.38 -22.34 -10.47
N GLN A 229 -18.43 -22.98 -11.64
CA GLN A 229 -17.90 -24.32 -11.81
C GLN A 229 -16.37 -24.33 -11.78
N VAL A 230 -15.78 -23.30 -12.37
CA VAL A 230 -14.32 -23.17 -12.39
C VAL A 230 -13.78 -22.90 -10.99
N LEU A 231 -14.50 -22.07 -10.24
CA LEU A 231 -14.14 -21.76 -8.86
C LEU A 231 -14.23 -23.01 -7.98
N LYS A 232 -15.32 -23.75 -8.14
CA LYS A 232 -15.53 -24.98 -7.38
C LYS A 232 -14.44 -26.01 -7.66
N ALA A 233 -14.07 -26.13 -8.94
CA ALA A 233 -13.04 -27.08 -9.35
C ALA A 233 -11.68 -26.70 -8.79
N GLY A 234 -11.47 -25.39 -8.60
CA GLY A 234 -10.21 -24.89 -8.09
C GLY A 234 -10.05 -25.14 -6.60
N LEU A 235 -11.10 -24.87 -5.84
CA LEU A 235 -11.08 -25.05 -4.39
C LEU A 235 -10.91 -26.51 -4.00
N GLU A 236 -11.66 -27.39 -4.66
CA GLU A 236 -11.61 -28.81 -4.35
C GLU A 236 -10.43 -29.50 -5.04
N ASN A 237 -10.11 -30.71 -4.58
CA ASN A 237 -9.01 -31.47 -5.15
C ASN A 237 -9.14 -32.97 -4.88
N GLU A 238 -9.61 -33.71 -5.89
CA GLU A 238 -9.67 -35.16 -5.80
C GLU A 238 -8.59 -35.77 -6.69
N ALA A 239 -7.89 -36.77 -6.16
CA ALA A 239 -6.80 -37.41 -6.91
C ALA A 239 -6.55 -38.83 -6.43
N VAL A 240 -5.91 -39.62 -7.29
CA VAL A 240 -5.53 -40.98 -6.96
C VAL A 240 -4.05 -41.22 -7.27
N ASN A 241 -3.29 -41.57 -6.23
CA ASN A 241 -1.87 -41.85 -6.41
C ASN A 241 -1.43 -43.07 -5.61
N LYS A 242 -0.44 -43.79 -6.12
CA LYS A 242 0.10 -44.95 -5.42
C LYS A 242 0.97 -44.51 -4.25
N GLY A 243 0.69 -45.08 -3.08
CA GLY A 243 1.44 -44.76 -1.87
C GLY A 243 1.36 -45.87 -0.86
N TYR A 244 2.26 -45.85 0.11
CA TYR A 244 2.32 -46.90 1.12
C TYR A 244 1.18 -46.77 2.13
N CYS A 245 0.64 -47.91 2.56
CA CYS A 245 -0.38 -47.93 3.59
C CYS A 245 0.13 -48.69 4.82
N THR A 246 0.11 -48.01 5.97
CA THR A 246 0.66 -48.59 7.19
C THR A 246 -0.17 -49.77 7.70
N LYS A 247 -1.45 -49.79 7.37
CA LYS A 247 -2.34 -50.83 7.86
C LYS A 247 -2.10 -52.17 7.15
N CYS A 248 -2.28 -52.19 5.83
CA CYS A 248 -2.10 -53.42 5.08
C CYS A 248 -0.65 -53.60 4.62
N GLN A 249 0.24 -52.77 5.16
CA GLN A 249 1.69 -52.95 5.04
C GLN A 249 2.22 -53.03 3.61
N ARG A 250 1.59 -52.32 2.69
CA ARG A 250 2.06 -52.31 1.30
C ARG A 250 1.58 -51.10 0.53
N TYR A 251 2.18 -50.88 -0.64
CA TYR A 251 1.82 -49.75 -1.50
C TYR A 251 0.49 -50.01 -2.21
N GLN A 252 -0.45 -49.10 -2.03
CA GLN A 252 -1.77 -49.22 -2.64
C GLN A 252 -2.17 -47.95 -3.35
N ASN A 253 -3.27 -48.00 -4.10
CA ASN A 253 -3.87 -46.79 -4.65
C ASN A 253 -4.53 -46.00 -3.53
N LEU A 254 -4.17 -44.72 -3.42
CA LEU A 254 -4.69 -43.89 -2.34
C LEU A 254 -5.65 -42.83 -2.85
N ASP A 255 -6.85 -42.81 -2.28
CA ASP A 255 -7.87 -41.82 -2.63
C ASP A 255 -7.73 -40.59 -1.75
N GLN A 256 -7.21 -39.51 -2.34
CA GLN A 256 -6.93 -38.29 -1.60
C GLN A 256 -7.88 -37.17 -2.01
N ARG A 257 -8.69 -36.70 -1.06
CA ARG A 257 -9.65 -35.64 -1.32
C ARG A 257 -9.45 -34.48 -0.34
N LYS A 258 -9.49 -33.26 -0.87
CA LYS A 258 -9.34 -32.08 -0.03
C LYS A 258 -10.65 -31.73 0.66
N ILE A 259 -10.74 -32.07 1.95
CA ILE A 259 -11.94 -31.80 2.73
C ILE A 259 -11.94 -30.34 3.17
N ILE A 260 -12.91 -29.57 2.67
CA ILE A 260 -12.96 -28.14 2.92
C ILE A 260 -13.92 -27.80 4.07
N PHE A 261 -13.40 -27.10 5.08
CA PHE A 261 -14.19 -26.74 6.25
C PHE A 261 -14.72 -25.31 6.16
N ASN A 262 -13.82 -24.35 5.92
CA ASN A 262 -14.20 -22.95 5.83
C ASN A 262 -13.58 -22.23 4.65
N ILE A 263 -14.31 -21.25 4.12
CA ILE A 263 -13.81 -20.37 3.08
C ILE A 263 -13.48 -19.01 3.68
N PRO A 264 -12.40 -18.38 3.21
CA PRO A 264 -11.96 -17.09 3.78
C PRO A 264 -12.93 -15.95 3.52
N ALA A 265 -12.92 -14.95 4.40
CA ALA A 265 -13.75 -13.77 4.22
C ALA A 265 -13.27 -12.96 3.02
N VAL A 266 -11.96 -13.00 2.79
CA VAL A 266 -11.37 -12.39 1.60
C VAL A 266 -10.93 -13.49 0.64
N LEU A 267 -11.54 -13.53 -0.54
CA LEU A 267 -11.29 -14.59 -1.49
C LEU A 267 -10.44 -14.14 -2.67
N ALA A 268 -9.13 -14.36 -2.56
CA ALA A 268 -8.21 -14.05 -3.65
C ALA A 268 -8.07 -15.23 -4.60
N LEU A 269 -8.17 -14.97 -5.90
CA LEU A 269 -8.18 -16.04 -6.88
C LEU A 269 -7.19 -15.80 -8.03
N CYS A 270 -6.38 -16.81 -8.32
CA CYS A 270 -5.49 -16.77 -9.48
C CYS A 270 -6.14 -17.49 -10.65
N THR A 271 -6.22 -16.81 -11.79
CA THR A 271 -6.93 -17.33 -12.95
C THR A 271 -6.22 -18.51 -13.61
N GLU A 272 -4.89 -18.49 -13.56
CA GLU A 272 -4.07 -19.55 -14.15
C GLU A 272 -4.38 -19.79 -15.63
N ILE A 273 -4.52 -18.70 -16.38
CA ILE A 273 -4.77 -18.79 -17.82
C ILE A 273 -3.49 -19.17 -18.56
N THR A 274 -3.50 -20.33 -19.22
CA THR A 274 -2.30 -20.83 -19.87
C THR A 274 -2.51 -21.12 -21.35
N THR A 275 -3.68 -21.62 -21.71
CA THR A 275 -3.94 -22.02 -23.09
C THR A 275 -4.83 -21.03 -23.82
N ALA A 276 -4.93 -21.21 -25.14
CA ALA A 276 -5.78 -20.36 -25.97
C ALA A 276 -7.26 -20.60 -25.67
N GLU A 277 -7.58 -21.84 -25.28
CA GLU A 277 -8.95 -22.20 -24.95
C GLU A 277 -9.40 -21.50 -23.67
N HIS A 278 -8.45 -21.23 -22.79
CA HIS A 278 -8.73 -20.50 -21.56
C HIS A 278 -9.10 -19.05 -21.87
N ARG A 279 -8.43 -18.47 -22.86
CA ARG A 279 -8.67 -17.08 -23.22
C ARG A 279 -9.99 -16.93 -23.97
N LYS A 280 -10.34 -17.95 -24.77
CA LYS A 280 -11.62 -17.96 -25.46
C LYS A 280 -12.76 -18.02 -24.44
N LEU A 281 -12.56 -18.79 -23.38
CA LEU A 281 -13.55 -18.93 -22.32
C LEU A 281 -13.77 -17.62 -21.57
N TRP A 282 -12.67 -16.97 -21.20
CA TRP A 282 -12.73 -15.72 -20.44
C TRP A 282 -13.23 -14.55 -21.28
N SER A 283 -13.13 -14.67 -22.60
CA SER A 283 -13.56 -13.60 -23.49
C SER A 283 -15.08 -13.59 -23.65
N THR A 284 -15.74 -14.61 -23.13
CA THR A 284 -17.20 -14.70 -23.16
C THR A 284 -17.81 -13.54 -22.39
N PRO A 285 -18.67 -12.75 -23.05
CA PRO A 285 -19.31 -11.58 -22.43
C PRO A 285 -20.17 -11.95 -21.23
N GLY A 286 -19.90 -11.34 -20.09
CA GLY A 286 -20.67 -11.55 -18.88
C GLY A 286 -20.31 -12.83 -18.16
N TRP A 287 -19.14 -13.38 -18.45
CA TRP A 287 -18.72 -14.65 -17.86
C TRP A 287 -18.33 -14.47 -16.40
N LEU A 288 -17.71 -13.34 -16.09
CA LEU A 288 -17.31 -13.04 -14.71
C LEU A 288 -18.41 -12.31 -13.96
N PRO A 289 -19.02 -12.98 -12.97
CA PRO A 289 -20.08 -12.38 -12.18
C PRO A 289 -19.52 -11.43 -11.12
N GLU A 290 -20.25 -10.36 -10.82
CA GLU A 290 -19.83 -9.43 -9.78
C GLU A 290 -20.30 -9.91 -8.42
N GLU A 291 -21.04 -11.02 -8.41
CA GLU A 291 -21.61 -11.54 -7.17
C GLU A 291 -21.74 -13.06 -7.23
N ILE A 292 -21.19 -13.73 -6.22
CA ILE A 292 -21.29 -15.19 -6.13
C ILE A 292 -21.72 -15.64 -4.74
N GLY A 293 -22.29 -16.83 -4.67
CA GLY A 293 -22.67 -17.42 -3.40
C GLY A 293 -22.05 -18.79 -3.26
N ILE A 294 -21.42 -19.05 -2.12
CA ILE A 294 -20.71 -20.31 -1.91
C ILE A 294 -21.27 -21.12 -0.75
N ILE A 295 -21.50 -22.41 -1.00
CA ILE A 295 -22.01 -23.32 0.03
C ILE A 295 -20.94 -24.35 0.43
N VAL A 296 -20.61 -24.41 1.71
CA VAL A 296 -19.70 -25.44 2.21
C VAL A 296 -20.49 -26.52 2.97
N ASP A 297 -20.59 -27.70 2.38
CA ASP A 297 -21.36 -28.78 2.98
C ASP A 297 -20.65 -30.12 2.88
N GLN A 298 -20.31 -30.68 4.05
CA GLN A 298 -19.66 -31.99 4.15
C GLN A 298 -18.38 -32.10 3.33
N GLY A 299 -17.51 -31.11 3.48
CA GLY A 299 -16.21 -31.12 2.80
C GLY A 299 -16.26 -30.70 1.35
N HIS A 300 -17.46 -30.40 0.86
CA HIS A 300 -17.62 -29.97 -0.53
C HIS A 300 -17.98 -28.49 -0.64
N VAL A 301 -17.73 -27.91 -1.80
CA VAL A 301 -18.01 -26.51 -2.05
C VAL A 301 -18.93 -26.34 -3.25
N TYR A 302 -19.99 -25.55 -3.08
CA TYR A 302 -20.94 -25.30 -4.16
C TYR A 302 -21.09 -23.81 -4.41
N CYS A 303 -20.82 -23.39 -5.63
CA CYS A 303 -20.87 -21.97 -5.99
C CYS A 303 -21.99 -21.67 -6.97
N TYR A 304 -22.64 -20.53 -6.78
CA TYR A 304 -23.76 -20.13 -7.64
C TYR A 304 -23.63 -18.68 -8.08
N GLU A 305 -24.21 -18.37 -9.24
CA GLU A 305 -24.14 -17.02 -9.79
C GLU A 305 -25.39 -16.70 -10.60
N GLY A 306 -25.61 -15.41 -10.87
CA GLY A 306 -26.73 -14.97 -11.68
C GLY A 306 -28.09 -15.27 -11.06
N ASP A 307 -29.05 -15.64 -11.90
CA ASP A 307 -30.39 -15.97 -11.44
C ASP A 307 -30.39 -17.26 -10.63
N ASP A 308 -29.44 -18.14 -10.94
CA ASP A 308 -29.29 -19.41 -10.21
C ASP A 308 -28.97 -19.13 -8.74
N LEU A 309 -28.22 -18.06 -8.51
CA LEU A 309 -27.87 -17.65 -7.16
C LEU A 309 -29.09 -17.06 -6.44
N LYS A 310 -29.86 -16.25 -7.16
CA LYS A 310 -31.05 -15.63 -6.60
C LYS A 310 -32.09 -16.67 -6.18
N LEU A 311 -32.17 -17.74 -6.94
CA LEU A 311 -33.12 -18.81 -6.68
C LEU A 311 -32.79 -19.55 -5.38
N HIS A 312 -31.51 -19.88 -5.21
CA HIS A 312 -31.05 -20.58 -4.02
C HIS A 312 -31.20 -19.72 -2.77
N LEU A 313 -31.04 -18.42 -2.92
CA LEU A 313 -31.19 -17.50 -1.79
C LEU A 313 -32.64 -17.39 -1.35
N ASN A 314 -33.57 -17.53 -2.28
CA ASN A 314 -34.99 -17.49 -1.95
C ASN A 314 -35.44 -18.76 -1.24
N ARG A 315 -34.78 -19.88 -1.57
CA ARG A 315 -35.10 -21.16 -0.95
C ARG A 315 -34.79 -21.14 0.55
N HIS A 318 -30.08 -21.49 3.82
CA HIS A 318 -28.97 -22.42 3.64
C HIS A 318 -27.64 -21.69 3.79
N ASN A 319 -26.56 -22.45 3.96
CA ASN A 319 -25.23 -21.86 4.04
C ASN A 319 -24.81 -21.23 2.72
N ILE A 320 -25.31 -20.03 2.46
CA ILE A 320 -24.91 -19.31 1.26
C ILE A 320 -24.26 -17.97 1.59
N THR A 321 -22.93 -17.97 1.64
CA THR A 321 -22.16 -16.76 1.90
C THR A 321 -21.96 -16.00 0.60
N VAL A 322 -22.64 -14.85 0.49
CA VAL A 322 -22.57 -14.05 -0.72
C VAL A 322 -21.29 -13.21 -0.78
N TYR A 323 -20.54 -13.37 -1.86
CA TYR A 323 -19.31 -12.63 -2.06
C TYR A 323 -19.48 -11.55 -3.12
N SER A 324 -18.86 -10.40 -2.89
CA SER A 324 -18.91 -9.31 -3.86
C SER A 324 -17.56 -9.16 -4.56
N LEU A 325 -17.61 -8.90 -5.86
CA LEU A 325 -16.38 -8.69 -6.63
C LEU A 325 -15.81 -7.30 -6.36
N VAL A 326 -14.61 -7.26 -5.79
CA VAL A 326 -13.96 -5.99 -5.49
C VAL A 326 -13.27 -5.42 -6.73
N GLY A 327 -12.40 -6.23 -7.34
CA GLY A 327 -11.66 -5.78 -8.51
C GLY A 327 -10.91 -6.90 -9.20
N THR A 328 -10.09 -6.52 -10.17
CA THR A 328 -9.34 -7.49 -10.97
C THR A 328 -7.99 -6.95 -11.41
N VAL A 329 -6.93 -7.71 -11.14
CA VAL A 329 -5.61 -7.40 -11.69
C VAL A 329 -5.56 -7.92 -13.12
N VAL A 330 -5.40 -7.02 -14.08
CA VAL A 330 -5.51 -7.36 -15.49
C VAL A 330 -4.20 -7.23 -16.25
N ASN A 331 -3.85 -8.26 -17.01
CA ASN A 331 -2.68 -8.24 -17.86
C ASN A 331 -2.99 -7.63 -19.22
N VAL A 332 -2.20 -6.64 -19.62
CA VAL A 332 -2.41 -5.96 -20.90
C VAL A 332 -1.22 -6.16 -21.83
N GLU A 333 -1.46 -6.81 -22.96
CA GLU A 333 -0.40 -7.09 -23.92
C GLU A 333 -0.33 -6.01 -25.01
N THR A 334 0.88 -5.74 -25.48
CA THR A 334 1.10 -4.82 -26.59
C THR A 334 1.74 -5.59 -27.74
N LYS A 335 1.21 -5.44 -28.95
CA LYS A 335 1.66 -6.24 -30.09
C LYS A 335 3.08 -5.92 -30.50
N SER A 336 3.39 -4.64 -30.60
CA SER A 336 4.71 -4.20 -31.07
C SER A 336 5.14 -2.90 -30.39
N PRO A 337 6.25 -2.95 -29.63
CA PRO A 337 7.02 -4.18 -29.38
C PRO A 337 6.37 -5.07 -28.34
N GLN A 338 6.47 -6.39 -28.54
CA GLN A 338 5.77 -7.34 -27.67
C GLN A 338 6.24 -7.26 -26.23
N LYS A 339 5.27 -7.12 -25.32
CA LYS A 339 5.52 -7.00 -23.89
C LYS A 339 4.24 -7.25 -23.11
N SER A 340 4.20 -6.72 -21.88
CA SER A 340 3.01 -6.79 -21.03
C SER A 340 3.19 -5.90 -19.79
N HIS A 341 2.10 -5.32 -19.31
CA HIS A 341 2.10 -4.65 -18.02
C HIS A 341 0.72 -4.78 -17.39
N LEU A 342 0.60 -4.43 -16.11
CA LEU A 342 -0.64 -4.68 -15.39
C LEU A 342 -1.43 -3.42 -15.06
N VAL A 343 -2.75 -3.54 -15.14
CA VAL A 343 -3.65 -2.48 -14.70
C VAL A 343 -4.65 -3.05 -13.70
N ALA A 344 -5.45 -2.19 -13.09
CA ALA A 344 -6.44 -2.65 -12.13
C ALA A 344 -7.81 -2.05 -12.39
N THR A 345 -8.80 -2.92 -12.56
CA THR A 345 -10.19 -2.48 -12.70
C THR A 345 -10.93 -2.79 -11.42
N VAL A 346 -11.25 -1.74 -10.66
CA VAL A 346 -11.80 -1.90 -9.31
C VAL A 346 -13.10 -1.14 -9.11
N ASN A 347 -14.06 -1.78 -8.44
CA ASN A 347 -15.27 -1.12 -8.01
C ASN A 347 -15.02 -0.43 -6.66
N VAL A 348 -14.78 0.87 -6.70
CA VAL A 348 -14.43 1.62 -5.50
C VAL A 348 -15.63 1.85 -4.57
N GLY A 349 -16.78 1.36 -4.97
CA GLY A 349 -18.00 1.53 -4.19
C GLY A 349 -18.07 0.62 -2.98
N ARG A 350 -17.29 -0.47 -3.01
CA ARG A 350 -17.29 -1.44 -1.92
C ARG A 350 -16.74 -0.82 -0.64
N ALA A 351 -15.74 0.05 -0.77
CA ALA A 351 -15.10 0.67 0.38
C ALA A 351 -15.66 2.06 0.67
N GLU A 352 -16.87 2.31 0.19
CA GLU A 352 -17.54 3.59 0.41
C GLU A 352 -18.92 3.38 1.00
N PRO A 353 -19.46 4.41 1.68
CA PRO A 353 -20.85 4.36 2.17
C PRO A 353 -21.84 3.98 1.07
N GLU A 354 -22.78 3.11 1.41
CA GLU A 354 -23.73 2.57 0.43
C GLU A 354 -24.62 3.66 -0.16
N SER A 355 -24.64 3.73 -1.48
CA SER A 355 -25.48 4.69 -2.19
C SER A 355 -26.31 3.98 -3.26
N LYS A 356 -27.08 4.76 -4.03
CA LYS A 356 -27.89 4.20 -5.09
C LYS A 356 -27.02 3.75 -6.26
N ASP A 357 -25.93 4.47 -6.48
CA ASP A 357 -24.99 4.12 -7.54
C ASP A 357 -23.99 3.08 -7.05
N GLN A 358 -24.33 1.81 -7.25
CA GLN A 358 -23.46 0.71 -6.81
C GLN A 358 -22.31 0.49 -7.78
N ASP A 359 -22.54 0.78 -9.06
CA ASP A 359 -21.53 0.60 -10.08
C ASP A 359 -20.59 1.80 -10.14
N ARG A 360 -19.44 1.67 -9.48
CA ARG A 360 -18.44 2.73 -9.47
C ARG A 360 -17.07 2.18 -9.87
N TRP A 361 -17.02 1.51 -11.02
CA TRP A 361 -15.79 0.89 -11.50
C TRP A 361 -14.81 1.91 -12.06
N HIS A 362 -13.53 1.73 -11.74
CA HIS A 362 -12.48 2.61 -12.22
C HIS A 362 -11.29 1.83 -12.77
N LEU A 363 -10.65 2.39 -13.80
CA LEU A 363 -9.45 1.80 -14.37
C LEU A 363 -8.21 2.43 -13.77
N PHE A 364 -7.41 1.62 -13.06
CA PHE A 364 -6.18 2.10 -12.46
C PHE A 364 -4.96 1.67 -13.27
N ASN A 365 -4.70 2.38 -14.37
CA ASN A 365 -3.51 2.15 -15.16
C ASN A 365 -2.35 2.98 -14.63
N ASP A 366 -1.72 2.48 -13.57
CA ASP A 366 -0.68 3.21 -12.85
C ASP A 366 -1.21 4.56 -12.37
N PHE A 367 -0.57 5.65 -12.79
CA PHE A 367 -1.00 6.97 -12.36
C PHE A 367 -2.08 7.54 -13.27
N SER A 368 -2.51 6.74 -14.25
CA SER A 368 -3.63 7.12 -15.11
C SER A 368 -4.91 6.48 -14.61
N VAL A 369 -5.79 7.29 -14.02
CA VAL A 369 -7.03 6.80 -13.44
C VAL A 369 -8.24 7.30 -14.21
N ARG A 370 -9.18 6.40 -14.49
CA ARG A 370 -10.36 6.75 -15.27
C ARG A 370 -11.57 5.94 -14.84
N GLY A 371 -12.74 6.56 -14.86
CA GLY A 371 -13.97 5.87 -14.53
C GLY A 371 -14.48 5.08 -15.71
N ILE A 372 -14.97 3.86 -15.45
CA ILE A 372 -15.48 3.01 -16.51
C ILE A 372 -16.80 2.37 -16.13
N SER A 373 -17.49 1.81 -17.13
CA SER A 373 -18.76 1.13 -16.90
C SER A 373 -18.51 -0.28 -16.34
N LYS A 374 -19.57 -0.91 -15.83
CA LYS A 374 -19.47 -2.26 -15.32
C LYS A 374 -19.13 -3.23 -16.44
N VAL A 375 -19.72 -2.98 -17.62
CA VAL A 375 -19.48 -3.81 -18.79
C VAL A 375 -18.00 -3.83 -19.16
N GLU A 376 -17.41 -2.64 -19.30
CA GLU A 376 -16.00 -2.51 -19.64
C GLU A 376 -15.10 -3.19 -18.60
N ALA A 377 -15.47 -3.05 -17.34
CA ALA A 377 -14.70 -3.66 -16.25
C ALA A 377 -14.81 -5.17 -16.27
N LEU A 378 -15.92 -5.68 -16.81
CA LEU A 378 -16.16 -7.11 -16.87
C LEU A 378 -16.05 -7.64 -18.30
N THR A 379 -15.42 -6.85 -19.16
CA THR A 379 -15.17 -7.28 -20.53
C THR A 379 -13.70 -7.62 -20.72
N PHE A 380 -13.42 -8.77 -21.31
CA PHE A 380 -12.04 -9.20 -21.54
C PHE A 380 -11.81 -9.55 -23.01
N ASN A 381 -10.57 -9.40 -23.45
CA ASN A 381 -10.22 -9.61 -24.85
C ASN A 381 -9.12 -10.66 -24.98
N ALA A 382 -9.37 -11.68 -25.79
CA ALA A 382 -8.42 -12.79 -25.95
C ALA A 382 -7.12 -12.35 -26.60
N ALA A 383 -7.13 -11.16 -27.19
CA ALA A 383 -5.96 -10.67 -27.92
C ALA A 383 -4.96 -9.95 -27.02
N TRP A 384 -5.47 -9.23 -26.01
CA TRP A 384 -4.58 -8.40 -25.19
C TRP A 384 -5.04 -8.21 -23.74
N LYS A 385 -6.33 -8.40 -23.47
CA LYS A 385 -6.84 -8.13 -22.12
C LYS A 385 -7.31 -9.40 -21.40
N PRO A 387 -7.56 -11.37 -17.37
CA PRO A 387 -7.48 -11.25 -15.91
C PRO A 387 -6.42 -12.19 -15.30
N VAL A 388 -5.73 -11.71 -14.27
CA VAL A 388 -4.71 -12.51 -13.61
C VAL A 388 -5.12 -12.86 -12.18
N VAL A 389 -5.46 -11.83 -11.41
CA VAL A 389 -5.92 -12.03 -10.04
C VAL A 389 -7.32 -11.46 -9.86
N VAL A 390 -8.22 -12.26 -9.29
CA VAL A 390 -9.59 -11.82 -9.05
C VAL A 390 -9.87 -11.78 -7.55
N PHE A 392 -12.49 -11.33 -4.39
CA PHE A 392 -13.82 -11.31 -3.79
C PHE A 392 -13.74 -11.10 -2.28
N GLN A 393 -14.76 -10.47 -1.72
CA GLN A 393 -14.90 -10.40 -0.27
C GLN A 393 -16.37 -10.59 0.08
N VAL A 394 -16.63 -10.99 1.32
CA VAL A 394 -18.00 -11.21 1.76
C VAL A 394 -18.81 -9.91 1.67
N LYS A 395 -20.01 -10.02 1.12
CA LYS A 395 -20.85 -8.85 0.86
C LYS A 395 -21.24 -8.13 2.14
N ALA A 396 -21.27 -8.86 3.25
CA ALA A 396 -21.60 -8.29 4.55
C ALA A 396 -20.53 -7.32 5.02
N ALA A 397 -19.34 -7.42 4.43
CA ALA A 397 -18.22 -6.56 4.81
C ALA A 397 -18.15 -5.30 3.97
N ASN A 398 -19.03 -5.20 2.97
CA ASN A 398 -19.08 -4.01 2.13
C ASN A 398 -19.50 -2.78 2.92
N HIS A 399 -18.93 -1.63 2.55
CA HIS A 399 -19.26 -0.34 3.16
C HIS A 399 -18.98 -0.32 4.66
N ARG A 400 -18.07 -1.19 5.10
CA ARG A 400 -17.71 -1.26 6.52
C ARG A 400 -16.32 -0.71 6.76
N PHE A 401 -16.13 -0.07 7.91
CA PHE A 401 -14.84 0.47 8.31
C PHE A 401 -14.76 0.67 9.81
N ASN A 402 -13.54 0.83 10.32
CA ASN A 402 -13.32 1.04 11.74
C ASN A 402 -12.19 2.05 11.97
N ASP A 404 -10.84 2.98 14.94
CA ASP A 404 -10.18 2.83 16.23
C ASP A 404 -8.66 2.82 16.09
N TRP A 405 -8.17 2.47 14.91
CA TRP A 405 -6.73 2.48 14.64
C TRP A 405 -6.20 3.91 14.74
N LYS A 406 -7.04 4.86 14.36
CA LYS A 406 -6.68 6.28 14.41
C LYS A 406 -7.03 6.85 15.78
N THR A 407 -8.18 6.47 16.30
CA THR A 407 -8.66 6.94 17.60
C THR A 407 -7.72 6.52 18.72
N ARG A 408 -7.35 5.24 18.74
CA ARG A 408 -6.43 4.73 19.75
C ARG A 408 -5.08 4.40 19.14
N LEU A 409 -4.56 5.32 18.35
CA LEU A 409 -3.24 5.18 17.73
C LEU A 409 -2.14 5.11 18.79
N ASP A 410 -1.25 4.14 18.65
CA ASP A 410 -0.12 4.00 19.57
C ASP A 410 0.96 5.03 19.25
N THR A 411 1.40 5.75 20.28
CA THR A 411 2.34 6.85 20.09
C THR A 411 3.66 6.63 20.82
N SER A 412 3.90 5.39 21.24
CA SER A 412 5.08 5.07 22.06
C SER A 412 6.39 5.29 21.32
N VAL A 413 6.34 5.27 19.99
CA VAL A 413 7.55 5.42 19.17
C VAL A 413 8.10 6.85 19.27
N LEU A 414 7.24 7.79 19.63
CA LEU A 414 7.64 9.20 19.74
C LEU A 414 8.42 9.48 21.03
N PHE A 415 8.19 8.66 22.05
CA PHE A 415 8.74 8.92 23.37
C PHE A 415 9.86 7.95 23.75
N ARG A 416 10.02 6.89 22.97
CA ARG A 416 11.01 5.85 23.28
C ARG A 416 12.43 6.32 23.01
N ASP A 417 13.35 5.94 23.91
CA ASP A 417 14.76 6.30 23.76
C ASP A 417 15.63 5.05 23.67
N ASN A 418 16.28 4.88 22.53
CA ASN A 418 17.20 3.75 22.32
C ASN A 418 18.56 4.23 21.83
N ASN A 419 18.88 5.48 22.15
CA ASN A 419 20.15 6.07 21.74
C ASN A 419 21.23 5.86 22.79
N PRO A 420 22.27 5.09 22.44
CA PRO A 420 23.37 4.76 23.36
C PRO A 420 24.19 5.98 23.77
N HIS A 421 24.43 6.90 22.83
CA HIS A 421 25.23 8.08 23.09
C HIS A 421 24.52 9.05 24.03
N ALA A 422 25.29 9.68 24.92
CA ALA A 422 24.74 10.64 25.87
C ALA A 422 24.64 12.02 25.26
N LEU A 423 25.43 12.26 24.22
CA LEU A 423 25.43 13.55 23.53
C LEU A 423 24.44 13.54 22.36
N LYS A 424 23.32 14.22 22.53
CA LYS A 424 22.28 14.24 21.52
C LYS A 424 22.01 15.65 21.00
N THR A 425 21.54 15.75 19.76
CA THR A 425 21.18 17.03 19.17
C THR A 425 19.67 17.24 19.23
N TYR A 426 19.01 16.46 20.07
CA TYR A 426 17.56 16.55 20.21
C TYR A 426 17.12 16.27 21.64
N GLU A 427 15.92 16.76 21.98
CA GLU A 427 15.33 16.49 23.29
C GLU A 427 13.93 15.90 23.09
N LEU A 428 13.80 14.60 23.38
CA LEU A 428 12.56 13.87 23.14
C LEU A 428 11.35 14.51 23.80
N LEU A 429 10.17 14.26 23.23
CA LEU A 429 8.93 14.78 23.78
C LEU A 429 8.65 14.17 25.15
N ASP A 430 8.18 15.00 26.07
CA ASP A 430 7.78 14.52 27.39
C ASP A 430 6.44 13.79 27.25
N ARG A 431 6.38 12.57 27.79
CA ARG A 431 5.22 11.71 27.63
C ARG A 431 3.97 12.30 28.30
N GLU A 432 4.19 13.17 29.27
CA GLU A 432 3.10 13.73 30.06
C GLU A 432 2.62 15.09 29.54
N THR A 433 3.56 15.96 29.21
CA THR A 433 3.23 17.35 28.90
C THR A 433 3.25 17.67 27.41
N GLU A 434 4.00 16.90 26.63
CA GLU A 434 4.16 17.19 25.21
C GLU A 434 3.53 16.13 24.31
N ILE A 435 2.23 15.91 24.47
CA ILE A 435 1.50 14.98 23.61
C ILE A 435 0.94 15.71 22.38
N PRO A 436 1.45 15.37 21.19
CA PRO A 436 1.07 16.02 19.93
C PRO A 436 -0.42 15.88 19.61
N GLY A 437 -0.99 16.93 19.03
CA GLY A 437 -2.39 16.93 18.66
C GLY A 437 -2.65 17.78 17.43
N PRO A 438 -3.94 18.04 17.13
CA PRO A 438 -4.35 18.83 15.97
C PRO A 438 -3.87 20.29 16.05
N ASP A 439 -3.66 20.80 17.25
CA ASP A 439 -3.23 22.17 17.44
C ASP A 439 -1.71 22.30 17.41
N THR A 440 -1.02 21.17 17.55
CA THR A 440 0.44 21.15 17.60
C THR A 440 1.06 21.46 16.23
N VAL A 441 1.95 22.44 16.21
CA VAL A 441 2.71 22.77 15.00
C VAL A 441 4.14 22.29 15.13
N ILE A 442 4.63 21.58 14.12
CA ILE A 442 6.01 21.07 14.14
C ILE A 442 6.76 21.49 12.88
N ALA A 443 8.03 21.88 13.07
CA ALA A 443 8.89 22.25 11.95
C ALA A 443 9.75 21.07 11.53
N ILE A 444 9.77 20.79 10.23
CA ILE A 444 10.47 19.60 9.73
C ILE A 444 11.30 19.88 8.49
N ASP A 445 12.48 19.27 8.44
CA ASP A 445 13.34 19.33 7.25
C ASP A 445 14.18 18.05 7.17
N THR A 446 14.53 17.64 5.95
CA THR A 446 15.29 16.41 5.75
C THR A 446 16.52 16.61 4.88
N GLU A 447 17.38 15.59 4.85
CA GLU A 447 18.56 15.60 4.00
C GLU A 447 18.57 14.37 3.09
N PHE A 448 19.03 14.55 1.86
CA PHE A 448 18.98 13.49 0.86
C PHE A 448 20.36 12.90 0.56
N ILE A 449 20.36 11.67 0.04
CA ILE A 449 21.55 11.07 -0.55
C ILE A 449 21.17 10.40 -1.86
N ARG A 450 22.17 10.05 -2.66
CA ARG A 450 21.91 9.43 -3.96
C ARG A 450 22.03 7.91 -3.90
N LEU A 451 21.11 7.22 -4.56
CA LEU A 451 21.13 5.77 -4.62
C LEU A 451 21.43 5.28 -6.03
N LYS A 452 21.63 3.97 -6.18
CA LYS A 452 21.94 3.39 -7.47
C LYS A 452 20.69 3.22 -8.33
N ILE A 470 17.64 10.09 -11.31
CA ILE A 470 18.29 10.16 -10.01
C ILE A 470 17.34 9.71 -8.90
N SER A 471 17.79 8.72 -8.11
CA SER A 471 17.02 8.22 -6.99
C SER A 471 17.53 8.80 -5.68
N HIS A 472 16.62 9.38 -4.90
CA HIS A 472 16.98 9.96 -3.60
C HIS A 472 16.43 9.13 -2.45
N ALA A 473 17.01 9.33 -1.27
CA ALA A 473 16.54 8.64 -0.07
C ALA A 473 16.84 9.47 1.17
N ILE A 474 15.95 9.40 2.15
CA ILE A 474 16.14 10.14 3.40
C ILE A 474 17.34 9.62 4.17
N ALA A 475 18.28 10.50 4.47
CA ALA A 475 19.46 10.14 5.24
C ALA A 475 19.38 10.74 6.64
N ARG A 476 18.59 11.80 6.76
CA ARG A 476 18.39 12.46 8.05
C ARG A 476 17.04 13.18 8.08
N ALA A 477 16.33 13.03 9.20
CA ALA A 477 15.04 13.67 9.36
C ALA A 477 14.97 14.43 10.68
N SER A 478 14.81 15.75 10.59
CA SER A 478 14.77 16.59 11.78
C SER A 478 13.39 17.22 11.97
N VAL A 479 12.77 16.96 13.12
CA VAL A 479 11.50 17.59 13.45
C VAL A 479 11.66 18.44 14.71
N VAL A 480 11.13 19.65 14.66
CA VAL A 480 11.39 20.66 15.68
C VAL A 480 10.09 21.22 16.29
N ARG A 481 10.09 21.41 17.60
CA ARG A 481 8.98 22.05 18.30
C ARG A 481 8.66 23.42 17.71
N GLY A 482 7.39 23.63 17.36
CA GLY A 482 6.97 24.88 16.75
C GLY A 482 6.32 25.83 17.73
N GLN A 483 6.24 25.42 19.00
CA GLN A 483 5.61 26.23 20.03
C GLN A 483 6.01 25.77 21.43
N GLY A 484 5.62 26.53 22.44
CA GLY A 484 5.95 26.21 23.81
C GLY A 484 7.25 26.85 24.28
N SER A 485 7.64 26.54 25.51
CA SER A 485 8.85 27.09 26.10
C SER A 485 10.11 26.66 25.35
N ARG A 486 10.12 25.43 24.87
CA ARG A 486 11.25 24.91 24.11
C ARG A 486 10.98 24.99 22.61
N GLU A 487 10.37 26.09 22.18
CA GLU A 487 10.14 26.33 20.76
C GLU A 487 11.47 26.48 20.03
N GLY A 488 11.68 25.66 19.01
CA GLY A 488 12.93 25.68 18.27
C GLY A 488 13.80 24.49 18.59
N VAL A 489 13.48 23.82 19.70
CA VAL A 489 14.24 22.64 20.14
C VAL A 489 13.74 21.38 19.44
N ALA A 490 14.67 20.64 18.83
CA ALA A 490 14.32 19.42 18.11
C ALA A 490 13.97 18.28 19.06
N PHE A 491 12.95 17.51 18.70
CA PHE A 491 12.59 16.32 19.46
C PHE A 491 12.79 15.07 18.61
N ILE A 492 13.06 15.28 17.33
CA ILE A 492 13.42 14.19 16.42
C ILE A 492 14.59 14.62 15.54
N ASP A 493 15.66 13.84 15.59
CA ASP A 493 16.81 14.06 14.71
C ASP A 493 17.42 12.72 14.33
N ASP A 494 16.67 11.94 13.56
CA ASP A 494 17.07 10.58 13.22
C ASP A 494 17.92 10.52 11.96
N TYR A 495 19.02 9.79 12.04
CA TYR A 495 19.80 9.43 10.86
C TYR A 495 19.39 8.03 10.43
N ILE A 496 19.38 7.79 9.12
CA ILE A 496 18.81 6.55 8.60
C ILE A 496 19.87 5.52 8.23
N HIS A 497 19.79 4.35 8.85
CA HIS A 497 20.63 3.22 8.47
C HIS A 497 20.11 2.66 7.16
N ILE A 498 20.66 3.16 6.06
CA ILE A 498 20.20 2.79 4.72
C ILE A 498 20.80 1.45 4.28
N LYS A 499 19.93 0.50 3.96
CA LYS A 499 20.37 -0.83 3.56
C LYS A 499 20.56 -0.93 2.05
N GLU A 500 20.68 0.22 1.40
CA GLU A 500 20.93 0.28 -0.04
C GLU A 500 22.37 0.69 -0.32
N THR A 501 22.74 0.70 -1.59
CA THR A 501 24.08 1.14 -1.99
C THR A 501 24.06 2.64 -2.31
N ILE A 502 24.77 3.43 -1.52
CA ILE A 502 24.80 4.87 -1.69
C ILE A 502 25.87 5.29 -2.69
N VAL A 503 25.42 5.87 -3.80
CA VAL A 503 26.33 6.34 -4.84
C VAL A 503 26.97 7.67 -4.45
N ASP A 504 26.17 8.57 -3.89
CA ASP A 504 26.66 9.88 -3.48
C ASP A 504 26.04 10.30 -2.15
N TYR A 505 26.88 10.73 -1.22
CA TYR A 505 26.40 11.18 0.09
C TYR A 505 25.96 12.63 0.07
N LEU A 506 26.35 13.34 -0.99
CA LEU A 506 26.02 14.76 -1.15
C LEU A 506 26.43 15.56 0.09
N THR A 507 27.71 15.45 0.45
CA THR A 507 28.22 16.06 1.68
C THR A 507 28.21 17.58 1.62
N GLU A 508 28.47 18.14 0.44
CA GLU A 508 28.45 19.59 0.28
C GLU A 508 27.02 20.13 0.39
N TRP A 509 26.07 19.32 -0.05
CA TRP A 509 24.67 19.73 -0.09
C TRP A 509 23.93 19.45 1.22
N SER A 510 24.38 18.42 1.94
CA SER A 510 23.64 17.95 3.12
C SER A 510 24.48 17.89 4.39
N GLY A 511 25.80 17.85 4.25
CA GLY A 511 26.68 17.76 5.39
C GLY A 511 26.73 16.36 5.97
N ILE A 512 26.20 15.39 5.23
CA ILE A 512 26.16 14.01 5.69
C ILE A 512 27.44 13.26 5.33
N THR A 513 28.04 12.64 6.34
CA THR A 513 29.25 11.85 6.14
C THR A 513 28.94 10.37 6.31
N PRO A 514 29.73 9.49 5.67
CA PRO A 514 29.55 8.04 5.80
C PRO A 514 29.60 7.56 7.25
N THR A 515 30.29 8.30 8.10
CA THR A 515 30.38 7.96 9.52
C THR A 515 29.02 8.09 10.20
N ASP A 516 28.27 9.12 9.83
CA ASP A 516 26.96 9.37 10.41
C ASP A 516 25.98 8.22 10.16
N LEU A 517 26.18 7.52 9.04
CA LEU A 517 25.28 6.43 8.67
C LEU A 517 25.91 5.06 8.95
N ASP A 518 27.15 5.05 9.40
CA ASP A 518 27.84 3.81 9.73
C ASP A 518 27.49 3.36 11.14
N PRO A 519 26.80 2.21 11.26
CA PRO A 519 26.26 1.69 12.52
C PRO A 519 27.31 1.49 13.61
N ILE A 520 28.57 1.32 13.21
CA ILE A 520 29.64 1.06 14.17
C ILE A 520 30.22 2.35 14.76
N ASN A 521 30.37 3.36 13.91
CA ASN A 521 31.09 4.58 14.32
C ASN A 521 30.22 5.82 14.44
N SER A 522 28.93 5.70 14.15
CA SER A 522 28.04 6.86 14.19
C SER A 522 27.84 7.38 15.61
N GLN A 523 27.79 8.70 15.74
CA GLN A 523 27.50 9.35 17.02
C GLN A 523 26.05 9.83 17.03
N ARG A 524 25.33 9.49 15.98
CA ARG A 524 23.96 9.95 15.81
C ARG A 524 22.96 8.94 16.33
N ASN A 525 21.68 9.33 16.34
CA ASN A 525 20.61 8.39 16.65
C ASN A 525 20.23 7.62 15.40
N LEU A 526 21.14 6.75 14.97
CA LEU A 526 20.95 5.99 13.74
C LEU A 526 19.87 4.92 13.90
N VAL A 527 18.82 5.01 13.09
CA VAL A 527 17.70 4.09 13.18
C VAL A 527 17.35 3.49 11.82
N SER A 528 16.47 2.50 11.82
CA SER A 528 15.99 1.88 10.60
C SER A 528 15.01 2.82 9.89
N PRO A 529 14.90 2.69 8.56
CA PRO A 529 14.02 3.55 7.75
C PRO A 529 12.57 3.58 8.24
N LYS A 530 12.03 2.41 8.56
CA LYS A 530 10.63 2.31 8.98
C LYS A 530 10.43 2.88 10.39
N THR A 531 11.48 2.82 11.20
CA THR A 531 11.42 3.35 12.56
C THR A 531 11.22 4.87 12.54
N ALA A 532 11.99 5.54 11.70
CA ALA A 532 11.88 6.99 11.58
C ALA A 532 10.58 7.38 10.88
N TYR A 533 10.19 6.59 9.88
CA TYR A 533 8.97 6.85 9.15
C TYR A 533 7.75 6.71 10.07
N LYS A 534 7.82 5.76 10.99
CA LYS A 534 6.73 5.48 11.91
C LYS A 534 6.40 6.71 12.75
N LYS A 535 7.44 7.44 13.16
CA LYS A 535 7.27 8.66 13.93
C LYS A 535 6.49 9.70 13.14
N LEU A 536 6.93 9.95 11.91
CA LEU A 536 6.29 10.93 11.04
C LEU A 536 4.87 10.54 10.70
N TRP A 537 4.65 9.24 10.48
CA TRP A 537 3.33 8.73 10.14
C TRP A 537 2.35 8.91 11.30
N VAL A 538 2.83 8.70 12.52
CA VAL A 538 2.02 8.90 13.71
C VAL A 538 1.65 10.38 13.86
N LEU A 539 2.64 11.24 13.66
CA LEU A 539 2.44 12.69 13.79
C LEU A 539 1.40 13.21 12.79
N VAL A 540 1.35 12.61 11.61
CA VAL A 540 0.36 12.99 10.61
C VAL A 540 -1.05 12.62 11.07
N ASN A 541 -1.20 11.38 11.56
CA ASN A 541 -2.50 10.89 12.00
C ASN A 541 -2.94 11.47 13.35
N LEU A 542 -2.01 12.10 14.06
CA LEU A 542 -2.35 12.80 15.29
C LEU A 542 -2.98 14.15 14.97
N GLY A 543 -2.78 14.60 13.73
CA GLY A 543 -3.38 15.84 13.27
C GLY A 543 -2.43 17.01 13.31
N CYS A 544 -1.14 16.74 13.48
CA CYS A 544 -0.14 17.79 13.59
C CYS A 544 -0.01 18.60 12.30
N LYS A 545 0.42 19.85 12.44
CA LYS A 545 0.66 20.72 11.29
C LYS A 545 2.14 20.78 10.98
N PHE A 546 2.52 20.31 9.80
CA PHE A 546 3.92 20.25 9.41
C PHE A 546 4.38 21.57 8.78
N LEU A 547 5.36 22.20 9.40
CA LEU A 547 5.88 23.48 8.93
C LEU A 547 7.26 23.30 8.31
N GLY A 548 7.47 23.90 7.14
CA GLY A 548 8.74 23.80 6.46
C GLY A 548 8.81 24.61 5.18
N HIS A 549 9.89 24.45 4.43
CA HIS A 549 10.08 25.19 3.19
C HIS A 549 10.20 24.23 2.01
N GLY A 550 9.24 24.28 1.10
CA GLY A 550 9.20 23.39 -0.04
C GLY A 550 9.07 21.93 0.38
N LEU A 551 8.08 21.66 1.22
CA LEU A 551 7.91 20.35 1.82
C LEU A 551 7.44 19.28 0.83
N SER A 552 7.03 19.69 -0.36
CA SER A 552 6.54 18.75 -1.36
C SER A 552 7.64 17.79 -1.81
N GLN A 553 8.87 18.28 -1.84
CA GLN A 553 10.00 17.45 -2.22
C GLN A 553 10.39 16.51 -1.09
N ASP A 554 10.29 17.00 0.14
CA ASP A 554 10.58 16.19 1.32
C ASP A 554 9.62 15.03 1.43
N PHE A 555 8.32 15.34 1.43
CA PHE A 555 7.27 14.34 1.57
C PHE A 555 7.34 13.26 0.49
N ARG A 556 7.76 13.65 -0.70
CA ARG A 556 7.88 12.71 -1.81
C ARG A 556 8.96 11.65 -1.54
N VAL A 557 10.11 12.10 -1.06
CA VAL A 557 11.22 11.19 -0.77
C VAL A 557 10.96 10.45 0.54
N ILE A 558 10.30 11.11 1.48
CA ILE A 558 9.84 10.45 2.71
C ILE A 558 8.80 9.39 2.35
N ASN A 559 8.13 9.60 1.22
CA ASN A 559 7.06 8.73 0.72
C ASN A 559 5.87 8.76 1.67
N ILE A 560 5.26 9.93 1.81
CA ILE A 560 4.12 10.12 2.69
C ILE A 560 3.17 11.17 2.10
N GLN A 561 1.92 11.13 2.51
CA GLN A 561 0.93 12.09 2.06
C GLN A 561 0.36 12.88 3.25
N VAL A 562 0.46 14.20 3.18
CA VAL A 562 -0.03 15.05 4.25
C VAL A 562 -1.10 16.00 3.72
N PRO A 563 -2.29 16.00 4.36
CA PRO A 563 -3.40 16.87 3.99
C PRO A 563 -3.01 18.35 3.96
N ARG A 564 -3.62 19.11 3.07
CA ARG A 564 -3.29 20.52 2.89
C ARG A 564 -3.41 21.36 4.16
N ASN A 565 -4.42 21.04 4.97
CA ASN A 565 -4.66 21.80 6.20
C ASN A 565 -3.72 21.40 7.33
N GLN A 566 -2.79 20.49 7.04
CA GLN A 566 -1.76 20.11 7.99
C GLN A 566 -0.37 20.50 7.47
N VAL A 567 -0.36 21.31 6.42
CA VAL A 567 0.90 21.76 5.82
C VAL A 567 1.03 23.28 5.86
N ILE A 568 2.07 23.75 6.54
CA ILE A 568 2.41 25.17 6.53
C ILE A 568 3.74 25.35 5.79
N ASP A 569 3.66 25.74 4.52
CA ASP A 569 4.83 25.85 3.68
C ASP A 569 5.20 27.30 3.42
N THR A 570 6.40 27.69 3.85
CA THR A 570 6.87 29.07 3.71
C THR A 570 7.18 29.42 2.26
N SER A 571 7.46 28.42 1.44
CA SER A 571 7.75 28.65 0.04
C SER A 571 6.46 29.03 -0.70
N ILE A 572 5.34 28.56 -0.18
CA ILE A 572 4.03 28.86 -0.74
C ILE A 572 3.51 30.19 -0.20
N ILE A 573 3.75 30.42 1.09
CA ILE A 573 3.30 31.63 1.77
C ILE A 573 3.84 32.90 1.12
N PHE A 574 5.16 32.93 0.89
CA PHE A 574 5.80 34.12 0.33
C PHE A 574 5.85 34.08 -1.19
N LYS A 576 4.05 35.88 -4.64
CA LYS A 576 3.13 36.85 -5.22
C LYS A 576 2.25 36.08 -6.19
N PRO A 577 0.93 36.08 -5.94
CA PRO A 577 -0.09 35.17 -6.51
C PRO A 577 0.08 34.78 -7.98
N PRO A 578 0.33 35.72 -8.91
CA PRO A 578 0.33 35.25 -10.30
C PRO A 578 1.60 34.52 -10.72
N SER A 579 2.74 34.92 -10.17
CA SER A 579 4.05 34.45 -10.64
C SER A 579 4.27 32.95 -10.52
N GLN A 580 3.76 32.35 -9.44
CA GLN A 580 3.96 30.94 -9.14
C GLN A 580 5.42 30.56 -8.96
N ARG A 581 6.28 31.57 -8.81
CA ARG A 581 7.70 31.34 -8.57
C ARG A 581 7.98 31.40 -7.08
N LYS A 582 8.75 30.45 -6.57
CA LYS A 582 9.02 30.34 -5.15
C LYS A 582 10.37 30.91 -4.76
N ILE A 583 10.41 31.64 -3.66
CA ILE A 583 11.64 32.25 -3.16
C ILE A 583 12.45 31.23 -2.37
N SER A 584 13.78 31.33 -2.49
CA SER A 584 14.68 30.44 -1.77
C SER A 584 14.58 30.65 -0.25
N LEU A 585 14.92 29.61 0.50
CA LEU A 585 14.96 29.68 1.95
C LEU A 585 16.05 30.64 2.41
N ALA A 586 17.17 30.63 1.70
CA ALA A 586 18.31 31.46 2.03
C ALA A 586 18.01 32.94 1.83
N PHE A 587 17.31 33.25 0.74
CA PHE A 587 16.96 34.64 0.43
C PHE A 587 15.97 35.19 1.43
N LEU A 588 14.97 34.39 1.78
CA LEU A 588 13.96 34.79 2.75
C LEU A 588 14.59 35.02 4.12
N ALA A 589 15.56 34.19 4.47
CA ALA A 589 16.27 34.32 5.74
C ALA A 589 17.17 35.56 5.73
N TRP A 590 17.71 35.88 4.56
CA TRP A 590 18.61 37.02 4.42
C TRP A 590 17.87 38.35 4.41
N TYR A 591 16.67 38.35 3.84
CA TYR A 591 15.92 39.59 3.66
C TYR A 591 14.98 39.88 4.82
N LEU A 592 14.47 38.84 5.46
CA LEU A 592 13.48 39.01 6.53
C LEU A 592 14.10 38.82 7.91
N LEU A 593 15.18 38.05 8.00
CA LEU A 593 15.81 37.77 9.27
C LEU A 593 17.22 38.34 9.36
N LYS A 594 17.71 38.87 8.23
CA LYS A 594 19.08 39.37 8.12
C LYS A 594 20.10 38.32 8.55
N GLU A 595 19.92 37.09 8.07
CA GLU A 595 20.80 35.99 8.43
C GLU A 595 21.43 35.33 7.20
N ASP A 596 22.67 34.89 7.35
CA ASP A 596 23.32 34.10 6.31
C ASP A 596 23.34 32.63 6.75
N ILE A 597 22.46 31.83 6.15
CA ILE A 597 22.28 30.45 6.58
C ILE A 597 23.01 29.46 5.67
N GLN A 598 23.87 29.98 4.80
CA GLN A 598 24.62 29.14 3.88
C GLN A 598 26.10 29.08 4.24
N GLN A 599 26.45 29.65 5.38
CA GLN A 599 27.83 29.69 5.85
C GLN A 599 28.44 28.28 5.96
N ASN A 600 27.89 27.49 6.87
CA ASN A 600 28.29 26.08 6.98
C ASN A 600 27.42 25.21 6.09
N THR A 601 27.76 23.93 6.01
CA THR A 601 26.96 22.98 5.25
C THR A 601 25.57 22.88 5.86
N HIS A 602 24.58 22.55 5.03
CA HIS A 602 23.19 22.56 5.45
C HIS A 602 22.89 21.60 6.59
N ASP A 603 22.22 22.12 7.61
CA ASP A 603 21.78 21.30 8.74
C ASP A 603 20.25 21.33 8.82
N SER A 604 19.64 20.15 8.89
CA SER A 604 18.19 20.03 8.81
C SER A 604 17.47 20.67 10.01
N ILE A 605 18.13 20.69 11.15
CA ILE A 605 17.55 21.32 12.34
C ILE A 605 17.54 22.84 12.19
N GLU A 606 18.65 23.38 11.71
CA GLU A 606 18.77 24.82 11.48
C GLU A 606 17.77 25.30 10.43
N ASP A 607 17.68 24.58 9.32
CA ASP A 607 16.77 24.93 8.24
C ASP A 607 15.32 24.84 8.69
N ALA A 608 15.04 23.94 9.62
CA ALA A 608 13.70 23.81 10.18
C ALA A 608 13.39 25.01 11.08
N GLN A 609 14.37 25.39 11.89
CA GLN A 609 14.24 26.56 12.75
C GLN A 609 14.11 27.84 11.94
N THR A 610 14.81 27.89 10.81
CA THR A 610 14.77 29.04 9.92
C THR A 610 13.36 29.25 9.36
N ALA A 611 12.77 28.16 8.87
CA ALA A 611 11.41 28.21 8.32
C ALA A 611 10.40 28.62 9.38
N LEU A 612 10.62 28.15 10.61
CA LEU A 612 9.75 28.50 11.73
C LEU A 612 9.85 29.99 12.04
N LYS A 613 11.07 30.52 12.00
CA LYS A 613 11.30 31.95 12.21
C LYS A 613 10.62 32.76 11.11
N LEU A 614 10.71 32.27 9.88
CA LEU A 614 10.10 32.95 8.74
C LEU A 614 8.58 33.00 8.87
N TYR A 615 7.99 31.93 9.39
CA TYR A 615 6.54 31.88 9.58
C TYR A 615 6.11 32.84 10.68
N ARG A 616 6.93 32.98 11.72
CA ARG A 616 6.63 33.90 12.81
C ARG A 616 6.66 35.34 12.32
N LYS A 617 7.60 35.63 11.43
CA LYS A 617 7.66 36.95 10.79
C LYS A 617 6.42 37.20 9.96
N TYR A 618 5.95 36.14 9.30
CA TYR A 618 4.75 36.21 8.48
C TYR A 618 3.52 36.55 9.32
N GLU A 619 3.45 35.95 10.51
CA GLU A 619 2.35 36.23 11.43
C GLU A 619 2.38 37.68 11.89
N GLU A 620 3.59 38.22 12.09
CA GLU A 620 3.75 39.60 12.50
C GLU A 620 3.33 40.56 11.38
N PHE A 621 3.70 40.22 10.16
CA PHE A 621 3.39 41.05 9.00
C PHE A 621 1.89 41.11 8.73
N ALA A 623 -0.44 40.61 11.00
CA ALA A 623 -1.09 41.22 12.15
C ALA A 623 -1.05 42.74 12.09
N ASN A 624 0.08 43.31 11.69
CA ASN A 624 0.22 44.75 11.62
C ASN A 624 -0.11 45.31 10.24
N GLY A 625 -0.50 44.43 9.32
CA GLY A 625 -0.94 44.83 8.00
C GLY A 625 0.17 45.32 7.08
N SER A 626 1.39 44.84 7.30
CA SER A 626 2.52 45.26 6.48
C SER A 626 2.96 44.18 5.51
N PHE A 627 2.24 43.07 5.47
CA PHE A 627 2.63 41.92 4.66
C PHE A 627 2.59 42.23 3.16
N HIS A 628 1.59 42.99 2.74
CA HIS A 628 1.45 43.35 1.33
C HIS A 628 2.67 44.13 0.84
N ASP A 629 3.11 45.07 1.67
CA ASP A 629 4.27 45.89 1.33
C ASP A 629 5.55 45.06 1.30
N VAL A 630 5.68 44.14 2.24
CA VAL A 630 6.84 43.26 2.30
C VAL A 630 6.89 42.34 1.09
N LEU A 631 5.73 41.76 0.75
CA LEU A 631 5.63 40.85 -0.38
C LEU A 631 5.97 41.55 -1.69
N GLU A 632 5.58 42.82 -1.80
CA GLU A 632 5.91 43.62 -2.97
C GLU A 632 7.41 43.90 -3.03
N ALA A 633 8.00 44.16 -1.86
CA ALA A 633 9.42 44.46 -1.76
C ALA A 633 10.27 43.25 -2.14
N LEU A 634 9.77 42.06 -1.81
CA LEU A 634 10.44 40.80 -2.15
C LEU A 634 10.56 40.64 -3.65
N TYR A 635 9.59 41.17 -4.39
CA TYR A 635 9.60 41.05 -5.85
C TYR A 635 9.85 42.40 -6.51
N LYS A 636 11.12 42.78 -6.61
CA LYS A 636 11.53 44.01 -7.28
C LYS A 636 12.69 43.77 -8.23
N LYS A 637 13.67 42.99 -7.78
CA LYS A 637 14.83 42.68 -8.60
C LYS A 637 14.98 41.17 -8.77
N GLY A 638 16.00 40.77 -9.53
CA GLY A 638 16.23 39.36 -9.80
C GLY A 638 16.71 38.64 -8.55
#